data_1RDO
#
_entry.id   1RDO
#
_cell.length_a   60.700
_cell.length_b   75.300
_cell.length_c   57.600
_cell.angle_alpha   90.00
_cell.angle_beta   90.00
_cell.angle_gamma   90.00
#
_symmetry.space_group_name_H-M   'P 21 21 21'
#
loop_
_entity.id
_entity.type
_entity.pdbx_description
1 polymer 'MANNOSE-BINDING PROTEIN-C'
2 non-polymer 'CALCIUM ION'
3 non-polymer 'CHLORIDE ION'
4 water water
#
_entity_poly.entity_id   1
_entity_poly.type   'polypeptide(L)'
_entity_poly.pdbx_seq_one_letter_code
;KKYFMSSVRRMPLNRAKALCSELQGTVATPRNAEENRAIQNVAKDVAFLGITDQRTENVFEDLTGNRVRYTNWNEGEPNN
VGSGENCVVLLTNGKWNDVPCSDSFLVVCEFSD
;
_entity_poly.pdbx_strand_id   1,2
#
loop_
_chem_comp.id
_chem_comp.type
_chem_comp.name
_chem_comp.formula
CA non-polymer 'CALCIUM ION' 'Ca 2'
CL non-polymer 'CHLORIDE ION' 'Cl -1'
#
# COMPACT_ATOMS: atom_id res chain seq x y z
N LYS A 2 -13.48 -1.51 5.25
CA LYS A 2 -12.25 -2.02 4.57
C LYS A 2 -12.03 -1.21 3.32
N TYR A 3 -10.78 -1.03 2.95
CA TYR A 3 -10.39 -0.29 1.76
C TYR A 3 -9.55 -1.29 0.96
N PHE A 4 -9.81 -1.40 -0.32
CA PHE A 4 -9.09 -2.36 -1.16
C PHE A 4 -8.26 -1.63 -2.22
N MET A 5 -7.00 -2.06 -2.38
CA MET A 5 -6.11 -1.48 -3.38
C MET A 5 -5.44 -2.62 -4.13
N SER A 6 -5.31 -2.47 -5.44
CA SER A 6 -4.67 -3.50 -6.26
C SER A 6 -3.28 -3.08 -6.68
N SER A 7 -2.39 -4.05 -6.83
CA SER A 7 -1.03 -3.78 -7.28
C SER A 7 -1.11 -3.66 -8.80
N VAL A 8 -0.04 -3.15 -9.40
CA VAL A 8 -0.01 -3.03 -10.86
C VAL A 8 0.80 -4.18 -11.44
N ARG A 9 1.71 -4.71 -10.64
CA ARG A 9 2.57 -5.80 -11.08
C ARG A 9 2.22 -7.13 -10.43
N ARG A 10 2.64 -8.22 -11.07
CA ARG A 10 2.42 -9.58 -10.58
C ARG A 10 3.59 -10.02 -9.72
N MET A 11 3.30 -10.89 -8.76
CA MET A 11 4.31 -11.42 -7.84
C MET A 11 3.73 -12.64 -7.10
N PRO A 12 4.60 -13.52 -6.57
CA PRO A 12 4.20 -14.71 -5.84
C PRO A 12 3.58 -14.32 -4.49
N LEU A 13 2.90 -15.25 -3.83
CA LEU A 13 2.24 -14.92 -2.57
C LEU A 13 3.15 -14.31 -1.51
N ASN A 14 4.35 -14.86 -1.31
CA ASN A 14 5.24 -14.29 -0.30
C ASN A 14 5.53 -12.80 -0.51
N ARG A 15 5.78 -12.41 -1.75
CA ARG A 15 6.05 -11.02 -2.04
C ARG A 15 4.75 -10.19 -1.93
N ALA A 16 3.63 -10.81 -2.26
CA ALA A 16 2.31 -10.16 -2.17
C ALA A 16 2.04 -9.82 -0.70
N LYS A 17 2.24 -10.80 0.17
CA LYS A 17 2.05 -10.62 1.60
C LYS A 17 2.96 -9.51 2.12
N ALA A 18 4.20 -9.49 1.66
CA ALA A 18 5.17 -8.49 2.09
C ALA A 18 4.70 -7.10 1.68
N LEU A 19 4.16 -7.00 0.48
CA LEU A 19 3.66 -5.73 -0.03
C LEU A 19 2.53 -5.17 0.83
N CYS A 20 1.51 -5.98 1.08
CA CYS A 20 0.39 -5.50 1.90
C CYS A 20 0.84 -5.19 3.32
N SER A 21 1.67 -6.06 3.89
CA SER A 21 2.19 -5.85 5.24
C SER A 21 3.01 -4.59 5.36
N GLU A 22 3.71 -4.23 4.29
CA GLU A 22 4.55 -3.04 4.29
C GLU A 22 3.76 -1.79 4.66
N LEU A 23 2.51 -1.70 4.19
CA LEU A 23 1.67 -0.56 4.50
C LEU A 23 0.66 -0.89 5.58
N GLN A 24 1.01 -1.90 6.39
CA GLN A 24 0.20 -2.36 7.51
C GLN A 24 -1.20 -2.88 7.22
N GLY A 25 -1.32 -3.52 6.05
CA GLY A 25 -2.55 -4.13 5.63
C GLY A 25 -2.29 -5.61 5.45
N THR A 26 -3.20 -6.32 4.79
CA THR A 26 -3.03 -7.74 4.56
C THR A 26 -3.61 -8.05 3.18
N VAL A 27 -3.33 -9.23 2.65
CA VAL A 27 -3.86 -9.61 1.34
C VAL A 27 -5.38 -9.75 1.54
N ALA A 28 -6.14 -9.15 0.64
CA ALA A 28 -7.61 -9.13 0.71
C ALA A 28 -8.30 -10.48 0.84
N THR A 29 -9.22 -10.56 1.80
CA THR A 29 -9.99 -11.77 2.04
C THR A 29 -11.48 -11.42 2.04
N PRO A 30 -12.20 -11.77 0.97
CA PRO A 30 -13.63 -11.44 0.94
C PRO A 30 -14.41 -12.27 1.96
N ARG A 31 -15.22 -11.60 2.77
CA ARG A 31 -16.01 -12.25 3.81
C ARG A 31 -17.45 -12.47 3.36
N ASN A 32 -17.81 -11.93 2.19
CA ASN A 32 -19.15 -12.08 1.63
C ASN A 32 -19.12 -11.67 0.16
N ALA A 33 -20.24 -11.86 -0.53
CA ALA A 33 -20.35 -11.54 -1.95
C ALA A 33 -20.12 -10.07 -2.25
N GLU A 34 -20.44 -9.19 -1.30
CA GLU A 34 -20.24 -7.77 -1.53
C GLU A 34 -18.76 -7.41 -1.57
N GLU A 35 -18.00 -7.98 -0.63
CA GLU A 35 -16.57 -7.72 -0.60
C GLU A 35 -15.91 -8.37 -1.79
N ASN A 36 -16.41 -9.55 -2.16
CA ASN A 36 -15.85 -10.25 -3.31
C ASN A 36 -15.93 -9.37 -4.56
N ARG A 37 -17.09 -8.75 -4.79
CA ARG A 37 -17.27 -7.88 -5.94
C ARG A 37 -16.35 -6.66 -5.88
N ALA A 38 -16.23 -6.06 -4.69
CA ALA A 38 -15.39 -4.89 -4.49
C ALA A 38 -13.94 -5.17 -4.85
N ILE A 39 -13.46 -6.34 -4.45
CA ILE A 39 -12.08 -6.75 -4.72
C ILE A 39 -11.91 -7.05 -6.21
N GLN A 40 -12.91 -7.73 -6.79
CA GLN A 40 -12.88 -8.07 -8.20
C GLN A 40 -12.71 -6.79 -9.02
N ASN A 41 -13.50 -5.78 -8.67
CA ASN A 41 -13.49 -4.50 -9.38
C ASN A 41 -12.17 -3.73 -9.27
N VAL A 42 -11.51 -3.78 -8.12
CA VAL A 42 -10.24 -3.08 -7.97
C VAL A 42 -9.13 -3.79 -8.73
N ALA A 43 -9.30 -5.10 -8.93
CA ALA A 43 -8.30 -5.89 -9.67
C ALA A 43 -8.58 -5.88 -11.18
N LYS A 44 -7.56 -5.60 -11.98
CA LYS A 44 -7.73 -5.59 -13.44
C LYS A 44 -7.41 -6.94 -14.06
N ASP A 45 -6.99 -7.89 -13.24
CA ASP A 45 -6.64 -9.22 -13.73
C ASP A 45 -6.66 -10.18 -12.54
N VAL A 46 -6.43 -11.45 -12.80
CA VAL A 46 -6.41 -12.47 -11.74
C VAL A 46 -5.51 -12.03 -10.59
N ALA A 47 -6.03 -12.07 -9.36
CA ALA A 47 -5.25 -11.60 -8.21
C ALA A 47 -5.37 -12.51 -7.01
N PHE A 48 -4.29 -12.55 -6.23
CA PHE A 48 -4.22 -13.37 -5.01
C PHE A 48 -5.18 -12.86 -3.92
N LEU A 49 -5.73 -13.81 -3.15
CA LEU A 49 -6.56 -13.48 -2.00
C LEU A 49 -5.79 -13.97 -0.76
N GLY A 50 -6.17 -13.49 0.43
CA GLY A 50 -5.47 -13.88 1.65
C GLY A 50 -6.02 -15.16 2.25
N ILE A 51 -6.02 -16.23 1.46
CA ILE A 51 -6.57 -17.51 1.86
C ILE A 51 -5.61 -18.60 1.38
N THR A 52 -5.39 -19.62 2.21
CA THR A 52 -4.50 -20.72 1.83
C THR A 52 -4.92 -21.99 2.58
N ASP A 53 -4.48 -23.14 2.08
CA ASP A 53 -4.72 -24.39 2.79
C ASP A 53 -3.34 -24.99 3.03
N GLN A 54 -2.36 -24.13 3.28
CA GLN A 54 -0.98 -24.58 3.51
C GLN A 54 -0.83 -25.41 4.77
N ARG A 55 -1.51 -25.01 5.85
CA ARG A 55 -1.42 -25.75 7.11
C ARG A 55 -2.03 -27.14 7.04
N THR A 56 -3.28 -27.21 6.58
CA THR A 56 -4.01 -28.46 6.41
C THR A 56 -4.68 -28.46 5.03
N GLU A 57 -4.38 -29.48 4.22
CA GLU A 57 -4.94 -29.58 2.89
C GLU A 57 -6.47 -29.59 2.90
N ASN A 58 -7.05 -28.78 2.02
CA ASN A 58 -8.49 -28.61 1.86
C ASN A 58 -9.15 -27.88 3.03
N VAL A 59 -8.34 -27.28 3.88
CA VAL A 59 -8.85 -26.48 4.99
C VAL A 59 -8.34 -25.08 4.71
N PHE A 60 -9.22 -24.27 4.10
CA PHE A 60 -8.87 -22.91 3.73
C PHE A 60 -9.08 -21.91 4.84
N GLU A 61 -8.03 -21.16 5.14
CA GLU A 61 -8.10 -20.18 6.20
C GLU A 61 -7.40 -18.90 5.79
N ASP A 62 -7.76 -17.80 6.44
CA ASP A 62 -7.15 -16.52 6.14
C ASP A 62 -5.71 -16.51 6.66
N LEU A 63 -4.96 -15.46 6.35
CA LEU A 63 -3.56 -15.41 6.75
C LEU A 63 -3.31 -15.35 8.25
N THR A 64 -4.38 -15.40 9.05
CA THR A 64 -4.27 -15.40 10.51
C THR A 64 -4.85 -16.69 11.11
N GLY A 65 -4.92 -17.74 10.30
CA GLY A 65 -5.42 -19.02 10.78
C GLY A 65 -6.91 -19.20 10.98
N ASN A 66 -7.69 -18.16 10.72
CA ASN A 66 -9.14 -18.27 10.88
C ASN A 66 -9.76 -18.94 9.67
N ARG A 67 -10.49 -20.01 9.91
CA ARG A 67 -11.13 -20.72 8.80
C ARG A 67 -12.12 -19.81 8.07
N VAL A 68 -12.13 -19.90 6.74
CA VAL A 68 -13.04 -19.05 5.96
C VAL A 68 -14.42 -19.70 5.83
N ARG A 69 -15.47 -18.88 5.96
CA ARG A 69 -16.84 -19.35 5.83
C ARG A 69 -17.33 -19.09 4.40
N TYR A 70 -17.39 -17.83 4.00
CA TYR A 70 -17.81 -17.52 2.65
C TYR A 70 -16.74 -17.97 1.64
N THR A 71 -17.16 -18.68 0.62
CA THR A 71 -16.25 -19.12 -0.44
C THR A 71 -16.97 -18.90 -1.76
N ASN A 72 -16.22 -18.74 -2.85
CA ASN A 72 -16.84 -18.53 -4.16
C ASN A 72 -16.05 -19.26 -5.23
N TRP A 73 -15.80 -20.54 -4.97
CA TRP A 73 -15.04 -21.39 -5.88
C TRP A 73 -15.62 -21.55 -7.28
N ASN A 74 -14.73 -21.50 -8.27
CA ASN A 74 -15.11 -21.68 -9.65
C ASN A 74 -15.49 -23.16 -9.78
N GLU A 75 -16.35 -23.50 -10.73
CA GLU A 75 -16.76 -24.89 -10.92
C GLU A 75 -15.54 -25.79 -11.10
N GLY A 76 -15.45 -26.81 -10.25
CA GLY A 76 -14.35 -27.76 -10.30
C GLY A 76 -13.26 -27.47 -9.29
N GLU A 77 -13.35 -26.32 -8.63
CA GLU A 77 -12.35 -25.91 -7.63
C GLU A 77 -12.87 -26.01 -6.21
N PRO A 78 -11.97 -26.17 -5.21
CA PRO A 78 -10.51 -26.27 -5.34
C PRO A 78 -10.13 -27.72 -5.71
N ASN A 79 -9.21 -27.87 -6.66
CA ASN A 79 -8.81 -29.19 -7.11
C ASN A 79 -7.39 -29.65 -6.78
N ASN A 80 -6.57 -28.74 -6.22
CA ASN A 80 -5.20 -29.04 -5.82
C ASN A 80 -4.43 -29.80 -6.91
N VAL A 81 -4.49 -29.32 -8.15
CA VAL A 81 -3.83 -30.01 -9.25
C VAL A 81 -2.31 -29.98 -9.28
N GLY A 82 -1.73 -30.87 -10.08
CA GLY A 82 -0.30 -30.97 -10.19
C GLY A 82 0.31 -31.48 -8.89
N SER A 83 1.40 -30.85 -8.45
CA SER A 83 2.04 -31.24 -7.22
C SER A 83 1.44 -30.48 -6.03
N GLY A 84 0.33 -29.79 -6.28
CA GLY A 84 -0.32 -29.05 -5.22
C GLY A 84 -0.59 -27.58 -5.53
N GLU A 85 -1.71 -27.09 -5.00
CA GLU A 85 -2.14 -25.71 -5.16
C GLU A 85 -2.69 -25.34 -3.79
N ASN A 86 -1.95 -24.51 -3.06
CA ASN A 86 -2.35 -24.14 -1.70
C ASN A 86 -2.70 -22.68 -1.51
N CYS A 87 -2.63 -21.90 -2.58
CA CYS A 87 -2.97 -20.48 -2.52
C CYS A 87 -4.27 -20.28 -3.32
N VAL A 88 -4.84 -19.09 -3.25
CA VAL A 88 -6.10 -18.82 -3.93
C VAL A 88 -6.09 -17.49 -4.67
N VAL A 89 -6.66 -17.50 -5.87
CA VAL A 89 -6.77 -16.29 -6.69
C VAL A 89 -8.23 -16.06 -7.07
N LEU A 90 -8.53 -14.79 -7.29
CA LEU A 90 -9.84 -14.34 -7.70
C LEU A 90 -9.74 -14.14 -9.19
N LEU A 91 -10.53 -14.92 -9.93
CA LEU A 91 -10.56 -14.86 -11.38
C LEU A 91 -11.28 -13.59 -11.84
N THR A 92 -11.14 -13.25 -13.12
CA THR A 92 -11.79 -12.03 -13.65
C THR A 92 -13.33 -12.07 -13.66
N ASN A 93 -13.89 -13.25 -13.39
CA ASN A 93 -15.35 -13.41 -13.32
C ASN A 93 -15.79 -13.44 -11.85
N GLY A 94 -14.86 -13.20 -10.93
CA GLY A 94 -15.22 -13.19 -9.51
C GLY A 94 -15.14 -14.51 -8.77
N LYS A 95 -15.04 -15.62 -9.49
CA LYS A 95 -14.94 -16.94 -8.85
C LYS A 95 -13.49 -17.16 -8.43
N TRP A 96 -13.28 -18.14 -7.56
CA TRP A 96 -11.94 -18.44 -7.08
C TRP A 96 -11.32 -19.72 -7.66
N ASN A 97 -10.00 -19.76 -7.67
CA ASN A 97 -9.26 -20.94 -8.11
C ASN A 97 -8.08 -21.11 -7.19
N ASP A 98 -7.79 -22.33 -6.80
CA ASP A 98 -6.61 -22.59 -5.99
C ASP A 98 -5.46 -22.75 -6.98
N VAL A 99 -4.31 -22.15 -6.64
CA VAL A 99 -3.14 -22.17 -7.51
C VAL A 99 -1.88 -22.34 -6.68
N PRO A 100 -0.73 -22.62 -7.35
CA PRO A 100 0.52 -22.78 -6.62
C PRO A 100 0.92 -21.42 -6.02
N CYS A 101 1.29 -21.41 -4.74
CA CYS A 101 1.70 -20.18 -4.08
C CYS A 101 2.94 -19.55 -4.71
N SER A 102 3.71 -20.37 -5.42
CA SER A 102 4.93 -19.91 -6.09
C SER A 102 4.65 -19.18 -7.40
N ASP A 103 3.43 -19.30 -7.93
CA ASP A 103 3.08 -18.59 -9.17
C ASP A 103 2.83 -17.09 -8.93
N SER A 104 2.92 -16.30 -10.00
CA SER A 104 2.77 -14.85 -9.93
C SER A 104 1.46 -14.28 -10.47
N PHE A 105 0.80 -13.47 -9.65
CA PHE A 105 -0.47 -12.83 -9.99
C PHE A 105 -0.48 -11.45 -9.35
N LEU A 106 -1.51 -10.65 -9.65
CA LEU A 106 -1.64 -9.33 -9.04
C LEU A 106 -2.04 -9.60 -7.58
N VAL A 107 -2.00 -8.57 -6.76
CA VAL A 107 -2.40 -8.72 -5.39
C VAL A 107 -3.30 -7.57 -5.04
N VAL A 108 -4.35 -7.87 -4.28
CA VAL A 108 -5.25 -6.84 -3.80
C VAL A 108 -5.03 -6.85 -2.29
N CYS A 109 -4.66 -5.69 -1.75
CA CYS A 109 -4.44 -5.53 -0.32
C CYS A 109 -5.68 -4.94 0.31
N GLU A 110 -5.89 -5.26 1.57
CA GLU A 110 -7.03 -4.79 2.33
C GLU A 110 -6.59 -4.02 3.57
N PHE A 111 -7.22 -2.88 3.82
CA PHE A 111 -6.91 -2.01 4.95
C PHE A 111 -8.19 -1.65 5.70
N SER A 112 -8.05 -1.30 6.97
CA SER A 112 -9.19 -0.94 7.81
C SER A 112 -9.15 0.51 8.27
N LYS B 1 -13.02 10.06 0.06
CA LYS B 1 -12.09 10.79 0.98
C LYS B 1 -10.70 10.20 0.74
N LYS B 2 -9.68 10.85 1.29
CA LYS B 2 -8.30 10.35 1.18
C LYS B 2 -8.09 9.43 2.37
N TYR B 3 -7.37 8.37 2.13
CA TYR B 3 -6.99 7.43 3.19
C TYR B 3 -5.47 7.45 3.26
N PHE B 4 -4.94 7.46 4.46
CA PHE B 4 -3.49 7.51 4.66
C PHE B 4 -3.01 6.25 5.36
N MET B 5 -1.90 5.71 4.86
CA MET B 5 -1.27 4.51 5.42
C MET B 5 0.24 4.70 5.51
N SER B 6 0.82 4.33 6.64
CA SER B 6 2.26 4.46 6.86
C SER B 6 2.98 3.16 6.61
N SER B 7 4.21 3.27 6.12
CA SER B 7 5.06 2.11 5.87
C SER B 7 5.65 1.67 7.20
N VAL B 8 6.26 0.49 7.18
CA VAL B 8 6.93 -0.08 8.35
C VAL B 8 8.42 0.24 8.26
N ARG B 9 9.00 0.16 7.07
CA ARG B 9 10.42 0.42 6.90
C ARG B 9 10.73 1.82 6.38
N ARG B 10 11.98 2.20 6.54
CA ARG B 10 12.47 3.50 6.11
C ARG B 10 13.14 3.32 4.76
N MET B 11 12.99 4.32 3.90
CA MET B 11 13.56 4.28 2.55
C MET B 11 13.66 5.71 2.00
N PRO B 12 14.53 5.94 1.01
CA PRO B 12 14.70 7.27 0.41
C PRO B 12 13.47 7.60 -0.44
N LEU B 13 13.32 8.86 -0.84
CA LEU B 13 12.12 9.27 -1.58
C LEU B 13 11.74 8.47 -2.82
N ASN B 14 12.71 8.20 -3.68
CA ASN B 14 12.39 7.44 -4.89
C ASN B 14 11.77 6.08 -4.61
N ARG B 15 12.26 5.41 -3.58
CA ARG B 15 11.73 4.12 -3.21
C ARG B 15 10.35 4.30 -2.57
N ALA B 16 10.17 5.41 -1.86
CA ALA B 16 8.89 5.72 -1.20
C ALA B 16 7.83 5.92 -2.27
N LYS B 17 8.20 6.64 -3.32
CA LYS B 17 7.32 6.89 -4.44
C LYS B 17 6.94 5.56 -5.10
N ALA B 18 7.93 4.69 -5.30
CA ALA B 18 7.70 3.38 -5.92
C ALA B 18 6.77 2.54 -5.05
N LEU B 19 6.94 2.60 -3.74
CA LEU B 19 6.08 1.84 -2.84
C LEU B 19 4.61 2.25 -2.97
N CYS B 20 4.33 3.54 -2.84
CA CYS B 20 2.96 4.04 -2.94
C CYS B 20 2.35 3.76 -4.32
N SER B 21 3.14 3.92 -5.37
CA SER B 21 2.66 3.67 -6.73
C SER B 21 2.39 2.19 -6.99
N GLU B 22 3.04 1.30 -6.24
CA GLU B 22 2.82 -0.13 -6.42
C GLU B 22 1.35 -0.50 -6.18
N LEU B 23 0.71 0.22 -5.27
CA LEU B 23 -0.71 0.03 -4.94
C LEU B 23 -1.56 1.15 -5.51
N GLN B 24 -1.02 1.83 -6.51
CA GLN B 24 -1.71 2.91 -7.21
C GLN B 24 -2.09 4.10 -6.33
N GLY B 25 -1.19 4.44 -5.42
CA GLY B 25 -1.41 5.56 -4.54
C GLY B 25 -0.26 6.51 -4.77
N THR B 26 -0.16 7.53 -3.94
CA THR B 26 0.92 8.49 -4.08
C THR B 26 1.47 8.81 -2.67
N VAL B 27 2.58 9.51 -2.60
CA VAL B 27 3.16 9.88 -1.30
C VAL B 27 2.27 10.97 -0.75
N ALA B 28 1.82 10.82 0.50
CA ALA B 28 0.92 11.78 1.14
C ALA B 28 1.29 13.25 1.05
N THR B 29 0.36 14.06 0.54
CA THR B 29 0.57 15.50 0.43
C THR B 29 -0.60 16.20 1.11
N PRO B 30 -0.37 16.67 2.34
CA PRO B 30 -1.45 17.35 3.06
C PRO B 30 -1.81 18.68 2.41
N ARG B 31 -3.11 18.91 2.19
CA ARG B 31 -3.58 20.14 1.55
C ARG B 31 -4.14 21.16 2.55
N ASN B 32 -4.18 20.76 3.81
CA ASN B 32 -4.69 21.59 4.90
C ASN B 32 -4.34 20.95 6.24
N ALA B 33 -4.62 21.66 7.33
CA ALA B 33 -4.30 21.17 8.66
C ALA B 33 -5.00 19.88 9.06
N GLU B 34 -6.21 19.66 8.56
CA GLU B 34 -6.97 18.45 8.87
C GLU B 34 -6.22 17.23 8.32
N GLU B 35 -5.80 17.33 7.06
CA GLU B 35 -5.06 16.24 6.42
C GLU B 35 -3.70 16.07 7.10
N ASN B 36 -3.09 17.18 7.51
CA ASN B 36 -1.79 17.12 8.17
C ASN B 36 -1.89 16.29 9.45
N ARG B 37 -2.95 16.54 10.22
CA ARG B 37 -3.20 15.81 11.45
C ARG B 37 -3.57 14.34 11.19
N ALA B 38 -4.24 14.06 10.06
CA ALA B 38 -4.61 12.69 9.71
C ALA B 38 -3.34 11.88 9.40
N ILE B 39 -2.36 12.54 8.79
CA ILE B 39 -1.09 11.89 8.46
C ILE B 39 -0.35 11.66 9.78
N GLN B 40 -0.41 12.66 10.67
CA GLN B 40 0.20 12.55 11.99
C GLN B 40 -0.34 11.33 12.71
N ASN B 41 -1.64 11.08 12.58
CA ASN B 41 -2.27 9.93 13.24
C ASN B 41 -1.66 8.58 12.86
N VAL B 42 -1.21 8.45 11.61
CA VAL B 42 -0.65 7.18 11.13
C VAL B 42 0.86 7.07 11.16
N ALA B 43 1.54 8.21 11.19
CA ALA B 43 2.99 8.24 11.20
C ALA B 43 3.56 8.15 12.62
N LYS B 44 4.14 7.02 12.97
CA LYS B 44 4.72 6.84 14.32
C LYS B 44 6.10 7.47 14.47
N ASP B 45 6.70 7.87 13.36
CA ASP B 45 8.02 8.50 13.38
C ASP B 45 8.09 9.40 12.14
N VAL B 46 9.16 10.18 12.03
CA VAL B 46 9.37 11.10 10.91
C VAL B 46 9.09 10.37 9.58
N ALA B 47 8.28 10.99 8.73
CA ALA B 47 7.88 10.38 7.47
C ALA B 47 7.89 11.35 6.30
N PHE B 48 8.21 10.82 5.12
CA PHE B 48 8.23 11.63 3.90
C PHE B 48 6.84 12.08 3.47
N LEU B 49 6.78 13.30 2.93
CA LEU B 49 5.55 13.88 2.37
C LEU B 49 5.84 13.99 0.86
N GLY B 50 4.81 14.05 0.02
CA GLY B 50 5.00 14.13 -1.42
C GLY B 50 5.23 15.55 -1.89
N ILE B 51 6.30 16.15 -1.43
CA ILE B 51 6.61 17.54 -1.76
C ILE B 51 8.11 17.71 -1.95
N THR B 52 8.52 18.52 -2.92
CA THR B 52 9.94 18.77 -3.15
C THR B 52 10.15 20.12 -3.82
N ASP B 53 11.36 20.66 -3.71
CA ASP B 53 11.68 21.90 -4.40
C ASP B 53 12.84 21.58 -5.35
N GLN B 54 12.77 20.37 -5.91
CA GLN B 54 13.78 19.89 -6.84
C GLN B 54 13.84 20.71 -8.12
N ARG B 55 12.69 21.17 -8.62
CA ARG B 55 12.67 21.96 -9.86
C ARG B 55 13.37 23.31 -9.68
N THR B 56 12.90 24.11 -8.73
CA THR B 56 13.49 25.40 -8.44
C THR B 56 13.58 25.50 -6.93
N GLU B 57 14.79 25.76 -6.42
CA GLU B 57 15.01 25.90 -4.99
C GLU B 57 14.06 26.90 -4.36
N ASN B 58 13.44 26.46 -3.26
CA ASN B 58 12.49 27.24 -2.47
C ASN B 58 11.12 27.46 -3.11
N VAL B 59 10.84 26.65 -4.11
CA VAL B 59 9.52 26.60 -4.74
C VAL B 59 9.06 25.16 -4.55
N PHE B 60 8.12 24.96 -3.65
CA PHE B 60 7.70 23.59 -3.31
C PHE B 60 6.47 23.16 -4.11
N GLU B 61 6.64 21.98 -4.68
CA GLU B 61 5.61 21.33 -5.51
C GLU B 61 5.33 19.92 -5.02
N ASP B 62 4.14 19.43 -5.34
CA ASP B 62 3.80 18.05 -5.00
C ASP B 62 4.53 17.19 -6.06
N LEU B 63 4.48 15.87 -5.94
CA LEU B 63 5.22 15.02 -6.88
C LEU B 63 4.76 15.07 -8.33
N THR B 64 3.64 15.74 -8.59
CA THR B 64 3.17 15.88 -9.97
C THR B 64 3.57 17.27 -10.50
N GLY B 65 4.51 17.92 -9.81
CA GLY B 65 4.96 19.23 -10.25
C GLY B 65 3.93 20.35 -10.10
N ASN B 66 2.99 20.16 -9.19
CA ASN B 66 1.97 21.15 -8.96
C ASN B 66 2.34 21.91 -7.69
N ARG B 67 2.58 23.21 -7.83
CA ARG B 67 2.98 24.06 -6.72
C ARG B 67 1.99 23.98 -5.54
N VAL B 68 2.51 23.71 -4.34
CA VAL B 68 1.63 23.57 -3.18
C VAL B 68 1.26 24.92 -2.58
N ARG B 69 0.16 24.94 -1.84
CA ARG B 69 -0.30 26.15 -1.18
C ARG B 69 -0.06 26.01 0.33
N TYR B 70 -0.75 25.07 0.95
CA TYR B 70 -0.59 24.83 2.38
C TYR B 70 0.80 24.30 2.75
N THR B 71 1.38 24.86 3.79
CA THR B 71 2.69 24.41 4.31
C THR B 71 2.62 24.50 5.83
N ASN B 72 3.44 23.68 6.51
CA ASN B 72 3.45 23.70 7.98
C ASN B 72 4.90 23.54 8.45
N TRP B 73 5.79 24.37 7.93
CA TRP B 73 7.20 24.33 8.27
C TRP B 73 7.52 24.50 9.73
N ASN B 74 8.46 23.70 10.22
CA ASN B 74 8.93 23.80 11.60
C ASN B 74 9.69 25.13 11.64
N GLU B 75 9.79 25.74 12.83
CA GLU B 75 10.51 27.00 12.95
C GLU B 75 11.94 26.84 12.46
N GLY B 76 12.34 27.73 11.55
CA GLY B 76 13.68 27.68 11.00
C GLY B 76 13.79 26.93 9.68
N GLU B 77 12.68 26.33 9.24
CA GLU B 77 12.63 25.55 8.01
C GLU B 77 11.78 26.28 6.98
N PRO B 78 12.04 26.05 5.68
CA PRO B 78 13.08 25.17 5.12
C PRO B 78 14.41 25.90 5.10
N ASN B 79 15.47 25.21 5.46
CA ASN B 79 16.80 25.84 5.51
C ASN B 79 17.83 25.33 4.50
N ASN B 80 17.45 24.35 3.69
CA ASN B 80 18.31 23.77 2.64
C ASN B 80 19.75 23.55 3.09
N VAL B 81 19.95 22.88 4.21
CA VAL B 81 21.31 22.67 4.71
C VAL B 81 22.28 21.91 3.80
N GLY B 82 23.53 22.34 3.87
CA GLY B 82 24.62 21.75 3.11
C GLY B 82 24.45 21.74 1.60
N SER B 83 24.73 20.58 1.01
CA SER B 83 24.61 20.41 -0.44
C SER B 83 23.16 20.53 -0.90
N GLY B 84 22.23 20.50 0.04
CA GLY B 84 20.84 20.64 -0.34
C GLY B 84 19.84 19.65 0.22
N GLU B 85 18.69 20.17 0.61
CA GLU B 85 17.61 19.38 1.15
C GLU B 85 16.43 19.78 0.28
N ASN B 86 16.02 18.89 -0.61
CA ASN B 86 14.95 19.17 -1.54
C ASN B 86 13.69 18.33 -1.36
N CYS B 87 13.67 17.53 -0.31
CA CYS B 87 12.53 16.68 0.02
C CYS B 87 11.98 17.15 1.35
N VAL B 88 10.80 16.66 1.71
CA VAL B 88 10.14 17.13 2.93
C VAL B 88 9.60 15.97 3.77
N VAL B 89 9.75 16.09 5.08
CA VAL B 89 9.24 15.10 6.02
C VAL B 89 8.36 15.76 7.07
N LEU B 90 7.44 14.98 7.60
CA LEU B 90 6.56 15.40 8.67
C LEU B 90 7.24 14.93 9.96
N LEU B 91 7.60 15.89 10.80
CA LEU B 91 8.23 15.63 12.09
C LEU B 91 7.18 15.04 13.05
N THR B 92 7.60 14.44 14.16
CA THR B 92 6.63 13.87 15.09
C THR B 92 5.73 14.87 15.84
N ASN B 93 5.99 16.17 15.64
CA ASN B 93 5.15 17.21 16.24
C ASN B 93 4.21 17.78 15.16
N GLY B 94 4.23 17.17 13.98
CA GLY B 94 3.36 17.61 12.90
C GLY B 94 3.94 18.68 11.99
N LYS B 95 5.01 19.33 12.42
CA LYS B 95 5.64 20.37 11.61
C LYS B 95 6.52 19.71 10.56
N TRP B 96 6.89 20.46 9.54
CA TRP B 96 7.71 19.91 8.47
C TRP B 96 9.17 20.33 8.47
N ASN B 97 10.01 19.50 7.87
CA ASN B 97 11.43 19.83 7.75
C ASN B 97 11.89 19.39 6.36
N ASP B 98 12.71 20.21 5.71
CA ASP B 98 13.25 19.81 4.41
C ASP B 98 14.48 18.93 4.69
N VAL B 99 14.58 17.83 3.97
CA VAL B 99 15.69 16.90 4.15
C VAL B 99 16.23 16.43 2.80
N PRO B 100 17.40 15.78 2.81
CA PRO B 100 17.96 15.28 1.55
C PRO B 100 17.05 14.16 1.04
N CYS B 101 16.71 14.19 -0.25
CA CYS B 101 15.89 13.15 -0.86
C CYS B 101 16.51 11.77 -0.77
N SER B 102 17.83 11.71 -0.63
CA SER B 102 18.52 10.43 -0.52
C SER B 102 18.52 9.84 0.91
N ASP B 103 18.07 10.61 1.90
CA ASP B 103 18.02 10.09 3.28
C ASP B 103 16.78 9.21 3.44
N SER B 104 16.82 8.29 4.39
CA SER B 104 15.71 7.35 4.62
C SER B 104 14.77 7.68 5.77
N PHE B 105 13.46 7.57 5.49
CA PHE B 105 12.42 7.84 6.49
C PHE B 105 11.23 6.95 6.15
N LEU B 106 10.27 6.87 7.06
CA LEU B 106 9.05 6.12 6.78
C LEU B 106 8.34 6.92 5.70
N VAL B 107 7.36 6.31 5.06
CA VAL B 107 6.60 7.01 4.05
C VAL B 107 5.13 6.81 4.36
N VAL B 108 4.34 7.84 4.12
CA VAL B 108 2.90 7.73 4.30
C VAL B 108 2.35 7.84 2.90
N CYS B 109 1.58 6.84 2.51
CA CYS B 109 0.97 6.84 1.18
C CYS B 109 -0.46 7.36 1.31
N GLU B 110 -0.95 7.91 0.21
CA GLU B 110 -2.27 8.50 0.12
C GLU B 110 -3.08 7.80 -0.96
N PHE B 111 -4.33 7.47 -0.65
CA PHE B 111 -5.22 6.82 -1.60
C PHE B 111 -6.56 7.53 -1.51
N SER B 112 -7.37 7.42 -2.54
CA SER B 112 -8.70 8.04 -2.54
C SER B 112 -9.68 7.23 -3.40
CA CA C . -4.26 -27.37 -1.53
CA CA D . -7.01 -25.20 -9.12
CL CL E . 1.21 -24.19 -3.36
CA CA F . 15.83 22.79 -1.21
CA CA G . 16.13 21.31 6.98
#